data_5ZYQ
#
_entry.id   5ZYQ
#
_cell.length_a   82.415
_cell.length_b   82.415
_cell.length_c   145.660
_cell.angle_alpha   90.00
_cell.angle_beta   90.00
_cell.angle_gamma   120.00
#
_symmetry.space_group_name_H-M   'P 31 1 2'
#
loop_
_entity.id
_entity.type
_entity.pdbx_description
1 polymer 'RNA polymerase-associated protein CTR9 homolog,RNA polymerase II-associated factor 1 homolog'
2 water water
#
_entity_poly.entity_id   1
_entity_poly.type   'polypeptide(L)'
_entity_poly.pdbx_seq_one_letter_code
;MSRGSIEIPLRDTDEVIELDFDQLPEGDEVISILKQEHTQLHIWIALALEYYKQGKTEEFVKLLEAARIDGNLDYRDHEK
DQMTCLDTLAAYYVQQARKEKNKDNKKDLITQATLLYTMADKIIMYDQNHLLGRACFCLLEGDKMDQADAQFHFVLNQSP
NNIPALLGKACISFNKKDYRGALAYYKKALRTNPGCPAEVRLGMGHCFVKLNKLEKARLAFSRALELNSKCVGALVGLAV
LELNNKEADGSENLYFQSGSRFVQYKATSLEKQHKHDLLTEPDLGVTIDLINPDTYRIDPNVLLDPADEKLLEEEIQAPT
;
_entity_poly.pdbx_strand_id   A
#
# COMPACT_ATOMS: atom_id res chain seq x y z
N ARG A 3 -15.26 -0.26 18.96
CA ARG A 3 -14.31 -0.32 17.86
C ARG A 3 -14.68 -1.38 16.81
N GLY A 4 -15.27 -2.47 17.24
CA GLY A 4 -15.76 -3.49 16.34
C GLY A 4 -15.48 -4.90 16.84
N SER A 5 -16.18 -5.86 16.25
CA SER A 5 -15.98 -7.27 16.57
C SER A 5 -16.24 -8.12 15.32
N ILE A 6 -15.83 -9.38 15.38
CA ILE A 6 -16.00 -10.33 14.29
C ILE A 6 -16.67 -11.58 14.82
N GLU A 7 -17.49 -12.21 13.99
CA GLU A 7 -18.18 -13.43 14.35
C GLU A 7 -17.42 -14.63 13.79
N ILE A 8 -17.15 -15.60 14.65
CA ILE A 8 -16.51 -16.85 14.22
C ILE A 8 -17.52 -17.98 14.36
N PRO A 9 -18.11 -18.46 13.26
CA PRO A 9 -19.03 -19.59 13.35
C PRO A 9 -18.35 -20.78 14.00
N LEU A 10 -19.02 -21.32 15.01
CA LEU A 10 -18.58 -22.57 15.60
C LEU A 10 -19.07 -23.71 14.75
N ARG A 11 -18.17 -24.63 14.45
CA ARG A 11 -18.47 -25.69 13.50
C ARG A 11 -19.52 -26.63 14.06
N ASP A 12 -20.38 -27.16 13.17
CA ASP A 12 -21.43 -28.12 13.54
C ASP A 12 -22.39 -27.54 14.58
N THR A 13 -22.75 -26.26 14.40
CA THR A 13 -23.56 -25.55 15.39
C THR A 13 -24.24 -24.39 14.67
N ASP A 14 -25.25 -23.83 15.34
CA ASP A 14 -25.85 -22.57 14.95
C ASP A 14 -25.35 -21.41 15.82
N GLU A 15 -24.34 -21.63 16.66
CA GLU A 15 -23.76 -20.58 17.49
C GLU A 15 -22.58 -19.90 16.79
N VAL A 16 -21.95 -18.98 17.53
CA VAL A 16 -20.87 -18.12 17.03
C VAL A 16 -20.18 -17.53 18.26
N ILE A 17 -18.87 -17.32 18.14
CA ILE A 17 -18.11 -16.63 19.18
C ILE A 17 -17.62 -15.29 18.62
N GLU A 18 -17.91 -14.21 19.34
CA GLU A 18 -17.49 -12.88 18.94
C GLU A 18 -16.15 -12.55 19.57
N LEU A 19 -15.25 -12.00 18.78
CA LEU A 19 -13.99 -11.46 19.28
C LEU A 19 -14.08 -9.95 19.24
N ASP A 20 -13.87 -9.30 20.37
CA ASP A 20 -13.90 -7.85 20.39
C ASP A 20 -12.53 -7.32 19.98
N PHE A 21 -12.51 -6.39 19.02
CA PHE A 21 -11.25 -5.91 18.45
C PHE A 21 -10.40 -5.21 19.49
N ASP A 22 -11.04 -4.58 20.49
CA ASP A 22 -10.30 -4.01 21.60
C ASP A 22 -9.80 -5.07 22.58
N GLN A 23 -10.32 -6.29 22.45
CA GLN A 23 -9.97 -7.45 23.28
C GLN A 23 -9.29 -8.54 22.46
N LEU A 24 -8.37 -8.17 21.58
CA LEU A 24 -7.84 -9.16 20.63
C LEU A 24 -6.98 -10.17 21.35
N PRO A 25 -7.34 -11.45 21.33
CA PRO A 25 -6.57 -12.48 22.06
C PRO A 25 -5.14 -12.61 21.53
N GLU A 26 -4.38 -13.45 22.22
CA GLU A 26 -3.05 -13.74 21.73
C GLU A 26 -3.15 -14.33 20.34
N GLY A 27 -2.29 -13.85 19.45
CA GLY A 27 -2.35 -14.31 18.07
C GLY A 27 -2.44 -15.82 17.97
N ASP A 28 -1.68 -16.53 18.82
CA ASP A 28 -1.57 -17.98 18.68
C ASP A 28 -2.84 -18.70 19.09
N GLU A 29 -3.62 -18.15 20.02
CA GLU A 29 -4.85 -18.84 20.40
C GLU A 29 -5.97 -18.59 19.41
N VAL A 30 -6.05 -17.39 18.85
CA VAL A 30 -6.98 -17.14 17.75
C VAL A 30 -6.82 -18.20 16.67
N ILE A 31 -5.56 -18.44 16.27
CA ILE A 31 -5.24 -19.38 15.20
C ILE A 31 -5.78 -20.77 15.51
N SER A 32 -5.52 -21.26 16.73
CA SER A 32 -6.05 -22.56 17.13
C SER A 32 -7.56 -22.59 17.15
N ILE A 33 -8.20 -21.45 17.41
CA ILE A 33 -9.66 -21.39 17.34
C ILE A 33 -10.13 -21.54 15.90
N LEU A 34 -9.64 -20.65 15.02
CA LEU A 34 -10.00 -20.75 13.61
C LEU A 34 -9.64 -22.11 13.04
N LYS A 35 -8.53 -22.70 13.49
CA LYS A 35 -8.19 -24.04 13.06
C LYS A 35 -9.20 -25.05 13.58
N GLN A 36 -9.54 -24.95 14.88
CA GLN A 36 -10.46 -25.90 15.49
C GLN A 36 -11.84 -25.83 14.83
N GLU A 37 -12.33 -24.62 14.55
CA GLU A 37 -13.65 -24.46 13.98
C GLU A 37 -13.63 -24.43 12.47
N HIS A 38 -12.52 -24.83 11.84
CA HIS A 38 -12.39 -24.90 10.39
C HIS A 38 -12.92 -23.64 9.71
N THR A 39 -12.47 -22.49 10.21
CA THR A 39 -13.03 -21.23 9.75
C THR A 39 -12.64 -20.93 8.31
N GLN A 40 -13.60 -20.41 7.55
CA GLN A 40 -13.34 -20.09 6.15
C GLN A 40 -12.26 -19.02 6.05
N LEU A 41 -11.52 -19.07 4.95
CA LEU A 41 -10.36 -18.20 4.78
C LEU A 41 -10.71 -16.73 4.97
N HIS A 42 -11.88 -16.31 4.47
CA HIS A 42 -12.19 -14.87 4.49
C HIS A 42 -12.21 -14.32 5.91
N ILE A 43 -12.58 -15.15 6.89
CA ILE A 43 -12.54 -14.66 8.28
C ILE A 43 -11.10 -14.53 8.77
N TRP A 44 -10.25 -15.52 8.51
CA TRP A 44 -8.83 -15.40 8.88
C TRP A 44 -8.26 -14.06 8.40
N ILE A 45 -8.56 -13.69 7.15
CA ILE A 45 -8.01 -12.47 6.57
C ILE A 45 -8.54 -11.25 7.30
N ALA A 46 -9.83 -11.26 7.63
CA ALA A 46 -10.41 -10.12 8.33
C ALA A 46 -9.72 -9.90 9.67
N LEU A 47 -9.58 -10.97 10.44
CA LEU A 47 -8.87 -10.87 11.70
C LEU A 47 -7.44 -10.36 11.52
N ALA A 48 -6.75 -10.87 10.48
CA ALA A 48 -5.35 -10.52 10.31
C ALA A 48 -5.20 -9.04 10.01
N LEU A 49 -6.07 -8.50 9.15
CA LEU A 49 -5.97 -7.07 8.83
C LEU A 49 -6.25 -6.21 10.05
N GLU A 50 -7.17 -6.64 10.91
CA GLU A 50 -7.45 -5.92 12.14
C GLU A 50 -6.21 -5.85 13.03
N TYR A 51 -5.51 -6.98 13.19
CA TYR A 51 -4.24 -6.96 13.90
C TYR A 51 -3.27 -5.98 13.22
N TYR A 52 -3.23 -5.98 11.89
CA TYR A 52 -2.35 -5.05 11.20
C TYR A 52 -2.70 -3.62 11.56
N LYS A 53 -3.99 -3.29 11.53
CA LYS A 53 -4.42 -1.93 11.88
C LYS A 53 -4.06 -1.58 13.32
N GLN A 54 -4.26 -2.50 14.25
CA GLN A 54 -3.89 -2.22 15.64
C GLN A 54 -2.40 -2.28 15.85
N GLY A 55 -1.61 -2.19 14.78
CA GLY A 55 -0.17 -2.26 14.90
C GLY A 55 0.40 -3.59 15.34
N LYS A 56 -0.45 -4.62 15.52
CA LYS A 56 0.00 -5.94 15.97
C LYS A 56 0.43 -6.76 14.76
N THR A 57 1.66 -6.48 14.31
CA THR A 57 2.09 -6.90 12.99
C THR A 57 2.43 -8.39 12.92
N GLU A 58 3.20 -8.91 13.88
CA GLU A 58 3.53 -10.34 13.83
C GLU A 58 2.30 -11.20 14.03
N GLU A 59 1.29 -10.71 14.74
CA GLU A 59 0.03 -11.43 14.78
C GLU A 59 -0.60 -11.48 13.40
N PHE A 60 -0.48 -10.38 12.64
CA PHE A 60 -1.04 -10.32 11.30
C PHE A 60 -0.33 -11.31 10.39
N VAL A 61 1.01 -11.32 10.43
CA VAL A 61 1.80 -12.22 9.58
C VAL A 61 1.44 -13.67 9.88
N LYS A 62 1.44 -14.01 11.17
CA LYS A 62 1.29 -15.41 11.54
C LYS A 62 -0.13 -15.89 11.27
N LEU A 63 -1.13 -15.03 11.42
CA LEU A 63 -2.49 -15.41 11.05
C LEU A 63 -2.55 -15.83 9.57
N LEU A 64 -2.04 -14.99 8.68
CA LEU A 64 -2.20 -15.25 7.24
C LEU A 64 -1.32 -16.40 6.76
N GLU A 65 -0.12 -16.57 7.32
CA GLU A 65 0.65 -17.74 6.96
C GLU A 65 -0.07 -19.00 7.41
N ALA A 66 -0.66 -18.98 8.60
CA ALA A 66 -1.43 -20.12 9.09
C ALA A 66 -2.65 -20.38 8.19
N ALA A 67 -3.29 -19.31 7.72
CA ALA A 67 -4.49 -19.46 6.88
C ALA A 67 -4.19 -20.16 5.58
N ARG A 68 -2.94 -20.10 5.11
CA ARG A 68 -2.58 -20.81 3.89
C ARG A 68 -2.65 -22.32 4.05
N ILE A 69 -2.58 -22.81 5.29
CA ILE A 69 -2.70 -24.24 5.57
C ILE A 69 -4.09 -24.62 6.05
N ASP A 70 -4.63 -23.93 7.05
CA ASP A 70 -5.91 -24.34 7.63
C ASP A 70 -7.04 -23.34 7.39
N GLY A 71 -6.87 -22.37 6.50
CA GLY A 71 -8.02 -21.57 6.13
C GLY A 71 -8.94 -22.35 5.20
N ASN A 72 -10.12 -22.72 5.67
CA ASN A 72 -11.06 -23.49 4.87
C ASN A 72 -11.47 -22.74 3.60
N LEU A 73 -11.54 -23.48 2.49
CA LEU A 73 -11.84 -22.96 1.16
C LEU A 73 -13.17 -23.50 0.62
N ASP A 74 -14.02 -24.02 1.48
CA ASP A 74 -15.26 -24.65 1.03
C ASP A 74 -16.37 -23.62 0.83
N TYR A 75 -16.13 -22.70 -0.10
CA TYR A 75 -17.14 -21.71 -0.41
C TYR A 75 -16.85 -21.03 -1.75
N ARG A 76 -17.92 -20.51 -2.34
CA ARG A 76 -17.84 -19.81 -3.61
C ARG A 76 -17.00 -18.55 -3.47
N ASP A 77 -16.05 -18.37 -4.40
CA ASP A 77 -15.16 -17.21 -4.46
C ASP A 77 -14.00 -17.28 -3.48
N HIS A 78 -13.74 -18.46 -2.89
CA HIS A 78 -12.54 -18.66 -2.08
C HIS A 78 -11.28 -18.28 -2.84
N GLU A 79 -11.27 -18.42 -4.17
CA GLU A 79 -10.06 -18.09 -4.92
C GLU A 79 -9.67 -16.65 -4.68
N LYS A 80 -10.66 -15.76 -4.70
CA LYS A 80 -10.36 -14.35 -4.55
C LYS A 80 -9.74 -14.08 -3.19
N ASP A 81 -10.14 -14.86 -2.18
CA ASP A 81 -9.54 -14.75 -0.86
C ASP A 81 -8.14 -15.34 -0.81
N GLN A 82 -7.85 -16.33 -1.65
CA GLN A 82 -6.47 -16.82 -1.69
C GLN A 82 -5.59 -15.75 -2.29
N MET A 83 -6.08 -15.04 -3.31
CA MET A 83 -5.32 -13.91 -3.86
C MET A 83 -5.06 -12.84 -2.82
N THR A 84 -6.11 -12.42 -2.11
CA THR A 84 -5.90 -11.46 -1.03
C THR A 84 -4.85 -11.95 -0.03
N CYS A 85 -4.92 -13.24 0.34
CA CYS A 85 -4.01 -13.75 1.37
C CYS A 85 -2.57 -13.76 0.86
N LEU A 86 -2.33 -14.30 -0.35
CA LEU A 86 -0.97 -14.39 -0.87
C LEU A 86 -0.42 -13.01 -1.22
N ASP A 87 -1.21 -12.18 -1.93
CA ASP A 87 -0.71 -10.86 -2.32
C ASP A 87 -0.50 -9.94 -1.10
N THR A 88 -1.30 -10.10 -0.05
CA THR A 88 -1.05 -9.29 1.14
C THR A 88 0.16 -9.79 1.93
N LEU A 89 0.38 -11.10 2.00
CA LEU A 89 1.64 -11.58 2.54
C LEU A 89 2.82 -11.00 1.75
N ALA A 90 2.79 -11.16 0.42
CA ALA A 90 3.87 -10.69 -0.43
C ALA A 90 4.12 -9.20 -0.24
N ALA A 91 3.04 -8.42 -0.20
CA ALA A 91 3.19 -6.98 -0.10
C ALA A 91 3.84 -6.61 1.21
N TYR A 92 3.49 -7.33 2.27
CA TYR A 92 4.07 -7.04 3.58
C TYR A 92 5.56 -7.35 3.58
N TYR A 93 5.95 -8.52 3.06
CA TYR A 93 7.37 -8.86 3.02
C TYR A 93 8.16 -7.82 2.24
N VAL A 94 7.59 -7.32 1.15
CA VAL A 94 8.25 -6.25 0.40
C VAL A 94 8.48 -5.04 1.31
N GLN A 95 7.46 -4.65 2.08
CA GLN A 95 7.63 -3.45 2.90
C GLN A 95 8.64 -3.67 4.03
N GLN A 96 8.75 -4.90 4.53
CA GLN A 96 9.82 -5.22 5.47
C GLN A 96 11.17 -5.19 4.78
N ALA A 97 11.19 -5.60 3.51
CA ALA A 97 12.43 -5.66 2.77
C ALA A 97 13.04 -4.28 2.59
N ARG A 98 12.21 -3.28 2.26
CA ARG A 98 12.69 -1.92 2.11
C ARG A 98 13.38 -1.45 3.40
N LYS A 99 12.74 -1.65 4.56
CA LYS A 99 13.29 -1.19 5.83
C LYS A 99 14.44 -2.04 6.35
N GLU A 100 14.56 -3.30 5.97
CA GLU A 100 15.53 -4.17 6.64
C GLU A 100 16.95 -3.88 6.16
N LYS A 101 17.91 -3.90 7.10
CA LYS A 101 19.28 -3.50 6.81
C LYS A 101 20.26 -4.67 6.69
N ASN A 102 19.94 -5.83 7.28
CA ASN A 102 20.72 -7.03 7.02
C ASN A 102 20.49 -7.45 5.56
N LYS A 103 21.53 -7.31 4.74
CA LYS A 103 21.42 -7.65 3.32
C LYS A 103 20.94 -9.08 3.13
N ASP A 104 21.49 -10.03 3.89
CA ASP A 104 21.04 -11.42 3.78
C ASP A 104 19.57 -11.57 4.14
N ASN A 105 19.13 -10.91 5.21
CA ASN A 105 17.73 -10.99 5.61
C ASN A 105 16.83 -10.40 4.54
N LYS A 106 17.22 -9.23 4.02
CA LYS A 106 16.44 -8.57 2.97
C LYS A 106 16.25 -9.49 1.76
N LYS A 107 17.29 -10.21 1.35
CA LYS A 107 17.17 -11.09 0.20
C LYS A 107 16.15 -12.19 0.44
N ASP A 108 16.03 -12.65 1.69
CA ASP A 108 15.04 -13.67 2.03
C ASP A 108 13.63 -13.11 1.94
N LEU A 109 13.42 -11.90 2.45
CA LEU A 109 12.11 -11.30 2.32
C LEU A 109 11.71 -11.22 0.85
N ILE A 110 12.63 -10.76 -0.01
CA ILE A 110 12.35 -10.68 -1.45
C ILE A 110 11.99 -12.06 -1.99
N THR A 111 12.73 -13.09 -1.58
CA THR A 111 12.43 -14.43 -2.07
C THR A 111 11.03 -14.87 -1.66
N GLN A 112 10.67 -14.63 -0.41
CA GLN A 112 9.32 -14.97 0.04
C GLN A 112 8.25 -14.25 -0.77
N ALA A 113 8.45 -12.96 -1.03
CA ALA A 113 7.50 -12.21 -1.85
C ALA A 113 7.45 -12.78 -3.27
N THR A 114 8.62 -13.07 -3.85
CA THR A 114 8.67 -13.68 -5.18
C THR A 114 7.88 -14.98 -5.26
N LEU A 115 8.09 -15.90 -4.31
CA LEU A 115 7.41 -17.18 -4.38
C LEU A 115 5.91 -16.99 -4.20
N LEU A 116 5.50 -16.08 -3.30
CA LEU A 116 4.07 -15.81 -3.12
C LEU A 116 3.43 -15.28 -4.40
N TYR A 117 4.09 -14.32 -5.07
CA TYR A 117 3.50 -13.76 -6.29
C TYR A 117 3.43 -14.79 -7.40
N THR A 118 4.48 -15.61 -7.53
CA THR A 118 4.48 -16.70 -8.49
C THR A 118 3.31 -17.67 -8.26
N MET A 119 3.03 -18.04 -7.01
CA MET A 119 1.93 -18.97 -6.84
C MET A 119 0.57 -18.27 -6.90
N ALA A 120 0.49 -16.99 -6.54
CA ALA A 120 -0.77 -16.28 -6.77
C ALA A 120 -1.05 -16.14 -8.26
N ASP A 121 0.00 -16.11 -9.09
CA ASP A 121 -0.19 -16.11 -10.54
C ASP A 121 -1.03 -17.30 -11.00
N LYS A 122 -0.89 -18.45 -10.34
CA LYS A 122 -1.55 -19.67 -10.78
C LYS A 122 -2.97 -19.79 -10.28
N ILE A 123 -3.50 -18.76 -9.62
CA ILE A 123 -4.87 -18.84 -9.12
C ILE A 123 -5.76 -17.92 -9.95
N ILE A 124 -5.59 -16.61 -9.83
CA ILE A 124 -6.30 -15.65 -10.67
C ILE A 124 -5.24 -14.78 -11.32
N MET A 125 -4.83 -15.16 -12.54
CA MET A 125 -3.67 -14.57 -13.22
C MET A 125 -3.72 -13.06 -13.25
N TYR A 126 -4.90 -12.48 -13.48
CA TYR A 126 -5.03 -11.05 -13.75
C TYR A 126 -5.88 -10.33 -12.70
N ASP A 127 -5.97 -10.86 -11.49
CA ASP A 127 -6.61 -10.12 -10.42
C ASP A 127 -5.99 -8.73 -10.30
N GLN A 128 -6.85 -7.70 -10.27
CA GLN A 128 -6.38 -6.32 -10.21
C GLN A 128 -5.34 -6.11 -9.12
N ASN A 129 -5.68 -6.45 -7.86
CA ASN A 129 -4.75 -6.25 -6.76
C ASN A 129 -3.46 -6.99 -7.03
N HIS A 130 -3.56 -8.21 -7.55
CA HIS A 130 -2.35 -8.99 -7.86
C HIS A 130 -1.43 -8.25 -8.83
N LEU A 131 -1.99 -7.76 -9.95
CA LEU A 131 -1.20 -6.95 -10.87
C LEU A 131 -0.62 -5.70 -10.22
N LEU A 132 -1.36 -5.06 -9.30
CA LEU A 132 -0.78 -3.93 -8.58
C LEU A 132 0.40 -4.37 -7.74
N GLY A 133 0.30 -5.58 -7.15
CA GLY A 133 1.42 -6.11 -6.39
C GLY A 133 2.63 -6.37 -7.27
N ARG A 134 2.44 -7.12 -8.37
CA ARG A 134 3.53 -7.36 -9.32
C ARG A 134 4.09 -6.06 -9.88
N ALA A 135 3.24 -5.07 -10.12
CA ALA A 135 3.73 -3.79 -10.63
C ALA A 135 4.66 -3.11 -9.63
N CYS A 136 4.19 -2.94 -8.39
CA CYS A 136 5.05 -2.30 -7.40
C CYS A 136 6.31 -3.14 -7.17
N PHE A 137 6.17 -4.46 -7.23
CA PHE A 137 7.32 -5.33 -7.09
C PHE A 137 8.32 -5.11 -8.22
N CYS A 138 7.85 -4.81 -9.43
CA CYS A 138 8.79 -4.46 -10.49
C CYS A 138 9.57 -3.20 -10.14
N LEU A 139 8.88 -2.19 -9.61
CA LEU A 139 9.55 -0.97 -9.19
C LEU A 139 10.59 -1.24 -8.12
N LEU A 140 10.35 -2.24 -7.25
CA LEU A 140 11.20 -2.49 -6.10
C LEU A 140 12.66 -2.59 -6.50
N GLU A 141 12.96 -3.40 -7.52
CA GLU A 141 14.18 -3.10 -8.25
C GLU A 141 14.21 -3.84 -9.57
N GLY A 142 14.74 -3.14 -10.55
CA GLY A 142 15.11 -3.68 -11.83
C GLY A 142 15.18 -2.52 -12.80
N ASP A 143 15.39 -2.86 -14.06
CA ASP A 143 14.73 -2.10 -15.10
C ASP A 143 13.54 -2.90 -15.59
N LYS A 144 12.65 -3.14 -14.63
CA LYS A 144 11.28 -3.56 -14.90
C LYS A 144 10.35 -2.36 -14.92
N MET A 145 10.89 -1.16 -15.10
CA MET A 145 10.08 0.04 -15.16
C MET A 145 9.02 -0.06 -16.25
N ASP A 146 9.41 -0.55 -17.43
CA ASP A 146 8.44 -0.76 -18.51
C ASP A 146 7.39 -1.78 -18.13
N GLN A 147 7.80 -2.83 -17.42
CA GLN A 147 6.87 -3.87 -17.01
C GLN A 147 5.89 -3.34 -15.95
N ALA A 148 6.40 -2.64 -14.95
CA ALA A 148 5.51 -2.03 -13.97
C ALA A 148 4.55 -1.05 -14.64
N ASP A 149 5.06 -0.25 -15.58
CA ASP A 149 4.22 0.73 -16.25
C ASP A 149 3.05 0.05 -16.96
N ALA A 150 3.32 -1.07 -17.61
CA ALA A 150 2.27 -1.73 -18.37
C ALA A 150 1.19 -2.28 -17.45
N GLN A 151 1.58 -2.77 -16.27
CA GLN A 151 0.59 -3.32 -15.35
C GLN A 151 -0.27 -2.21 -14.74
N PHE A 152 0.37 -1.14 -14.25
CA PHE A 152 -0.37 0.02 -13.78
C PHE A 152 -1.32 0.53 -14.86
N HIS A 153 -0.83 0.62 -16.09
CA HIS A 153 -1.64 1.23 -17.14
C HIS A 153 -2.82 0.34 -17.47
N PHE A 154 -2.61 -0.96 -17.45
CA PHE A 154 -3.71 -1.86 -17.69
C PHE A 154 -4.77 -1.74 -16.60
N VAL A 155 -4.34 -1.53 -15.34
CA VAL A 155 -5.33 -1.37 -14.28
C VAL A 155 -6.20 -0.12 -14.52
N LEU A 156 -5.58 0.98 -14.96
CA LEU A 156 -6.39 2.17 -15.23
C LEU A 156 -7.24 2.01 -16.49
N ASN A 157 -6.92 1.05 -17.36
CA ASN A 157 -7.85 0.73 -18.45
C ASN A 157 -9.00 -0.15 -17.99
N GLN A 158 -9.07 -0.47 -16.71
CA GLN A 158 -10.27 -1.04 -16.11
C GLN A 158 -10.85 -0.14 -15.03
N SER A 159 -9.97 0.53 -14.28
CA SER A 159 -10.35 1.28 -13.09
C SER A 159 -9.62 2.62 -13.11
N PRO A 160 -10.15 3.60 -13.84
CA PRO A 160 -9.42 4.86 -14.03
C PRO A 160 -9.15 5.63 -12.75
N ASN A 161 -9.91 5.37 -11.68
CA ASN A 161 -9.77 6.08 -10.43
C ASN A 161 -9.05 5.25 -9.37
N ASN A 162 -8.38 4.17 -9.77
CA ASN A 162 -7.65 3.33 -8.82
C ASN A 162 -6.45 4.10 -8.29
N ILE A 163 -6.46 4.39 -6.99
CA ILE A 163 -5.40 5.27 -6.44
C ILE A 163 -4.02 4.64 -6.53
N PRO A 164 -3.81 3.34 -6.18
CA PRO A 164 -2.47 2.76 -6.33
C PRO A 164 -1.93 2.86 -7.73
N ALA A 165 -2.76 2.68 -8.74
CA ALA A 165 -2.26 2.71 -10.11
C ALA A 165 -1.86 4.12 -10.53
N LEU A 166 -2.62 5.13 -10.07
CA LEU A 166 -2.25 6.51 -10.36
C LEU A 166 -0.95 6.87 -9.69
N LEU A 167 -0.79 6.50 -8.42
CA LEU A 167 0.47 6.78 -7.73
C LEU A 167 1.62 6.06 -8.41
N GLY A 168 1.38 4.84 -8.89
CA GLY A 168 2.41 4.13 -9.61
C GLY A 168 2.78 4.80 -10.91
N LYS A 169 1.79 5.30 -11.65
CA LYS A 169 2.06 6.00 -12.90
C LYS A 169 2.79 7.32 -12.66
N ALA A 170 2.39 8.06 -11.63
CA ALA A 170 3.10 9.27 -11.23
C ALA A 170 4.58 9.00 -10.99
N CYS A 171 4.88 8.01 -10.14
CA CYS A 171 6.26 7.68 -9.84
C CYS A 171 7.05 7.32 -11.11
N ILE A 172 6.47 6.48 -11.97
CA ILE A 172 7.16 6.12 -13.20
C ILE A 172 7.34 7.34 -14.11
N SER A 173 6.28 8.16 -14.22
CA SER A 173 6.40 9.40 -14.99
C SER A 173 7.58 10.23 -14.51
N PHE A 174 7.66 10.47 -13.19
CA PHE A 174 8.76 11.26 -12.64
C PHE A 174 10.12 10.68 -13.02
N ASN A 175 10.28 9.36 -12.93
CA ASN A 175 11.60 8.77 -13.16
C ASN A 175 12.00 8.89 -14.63
N LYS A 176 11.03 8.96 -15.54
CA LYS A 176 11.31 9.30 -16.93
C LYS A 176 11.12 10.79 -17.19
N LYS A 177 11.06 11.58 -16.11
CA LYS A 177 11.20 13.03 -16.12
C LYS A 177 10.17 13.74 -16.99
N ASP A 178 9.02 13.09 -17.15
CA ASP A 178 7.76 13.75 -17.52
C ASP A 178 7.09 14.16 -16.22
N TYR A 179 7.47 15.33 -15.70
CA TYR A 179 6.94 15.78 -14.43
C TYR A 179 5.64 16.55 -14.54
N ARG A 180 5.25 16.96 -15.74
CA ARG A 180 3.89 17.45 -15.85
C ARG A 180 2.92 16.29 -15.71
N GLY A 181 3.22 15.16 -16.38
CA GLY A 181 2.41 13.97 -16.23
C GLY A 181 2.40 13.43 -14.81
N ALA A 182 3.57 13.43 -14.15
CA ALA A 182 3.63 12.91 -12.79
C ALA A 182 2.78 13.77 -11.87
N LEU A 183 2.82 15.09 -12.07
CA LEU A 183 2.03 15.98 -11.23
C LEU A 183 0.54 15.78 -11.49
N ALA A 184 0.17 15.58 -12.75
CA ALA A 184 -1.24 15.35 -13.06
C ALA A 184 -1.75 14.09 -12.37
N TYR A 185 -0.97 13.01 -12.43
CA TYR A 185 -1.34 11.77 -11.75
C TYR A 185 -1.52 11.98 -10.26
N TYR A 186 -0.52 12.58 -9.61
CA TYR A 186 -0.62 12.89 -8.19
C TYR A 186 -1.83 13.76 -7.91
N LYS A 187 -2.09 14.72 -8.78
CA LYS A 187 -3.18 15.63 -8.54
C LYS A 187 -4.52 14.92 -8.65
N LYS A 188 -4.62 14.00 -9.61
CA LYS A 188 -5.85 13.23 -9.76
C LYS A 188 -6.05 12.29 -8.60
N ALA A 189 -4.97 11.70 -8.08
CA ALA A 189 -5.09 10.86 -6.90
C ALA A 189 -5.73 11.63 -5.76
N LEU A 190 -5.19 12.83 -5.47
CA LEU A 190 -5.62 13.58 -4.31
C LEU A 190 -7.02 14.15 -4.49
N ARG A 191 -7.32 14.59 -5.71
CA ARG A 191 -8.66 15.07 -5.98
C ARG A 191 -9.68 13.95 -5.85
N THR A 192 -9.32 12.74 -6.30
CA THR A 192 -10.25 11.62 -6.29
C THR A 192 -10.51 11.14 -4.87
N ASN A 193 -9.45 11.00 -4.07
CA ASN A 193 -9.51 10.49 -2.71
C ASN A 193 -8.91 11.54 -1.79
N PRO A 194 -9.69 12.56 -1.39
CA PRO A 194 -9.15 13.63 -0.52
C PRO A 194 -8.53 13.10 0.76
N GLY A 195 -8.92 11.91 1.19
CA GLY A 195 -8.37 11.36 2.42
C GLY A 195 -7.11 10.53 2.26
N CYS A 196 -6.37 10.72 1.18
CA CYS A 196 -5.22 9.87 0.93
C CYS A 196 -4.04 10.23 1.83
N PRO A 197 -3.09 9.28 2.01
CA PRO A 197 -1.88 9.53 2.83
C PRO A 197 -1.21 10.87 2.63
N ALA A 198 -0.51 11.32 3.67
CA ALA A 198 0.20 12.59 3.62
C ALA A 198 1.29 12.58 2.56
N GLU A 199 1.85 11.41 2.28
CA GLU A 199 2.95 11.31 1.32
C GLU A 199 2.52 11.58 -0.11
N VAL A 200 1.21 11.64 -0.40
CA VAL A 200 0.80 12.03 -1.74
C VAL A 200 1.28 13.46 -2.05
N ARG A 201 1.11 14.39 -1.11
CA ARG A 201 1.60 15.76 -1.33
C ARG A 201 3.13 15.81 -1.34
N LEU A 202 3.77 14.87 -0.65
CA LEU A 202 5.22 14.77 -0.74
C LEU A 202 5.67 14.58 -2.18
N GLY A 203 5.12 13.57 -2.85
CA GLY A 203 5.46 13.34 -4.24
C GLY A 203 5.05 14.48 -5.15
N MET A 204 3.97 15.16 -4.82
CA MET A 204 3.61 16.36 -5.56
C MET A 204 4.67 17.45 -5.38
N GLY A 205 5.17 17.59 -4.15
CA GLY A 205 6.31 18.48 -3.92
C GLY A 205 7.44 18.26 -4.90
N HIS A 206 7.88 17.01 -5.06
CA HIS A 206 9.06 16.75 -5.89
C HIS A 206 8.79 17.07 -7.36
N CYS A 207 7.56 16.88 -7.81
CA CYS A 207 7.14 17.36 -9.12
C CYS A 207 7.15 18.88 -9.18
N PHE A 208 6.64 19.52 -8.14
CA PHE A 208 6.62 20.97 -8.02
C PHE A 208 8.01 21.57 -7.90
N VAL A 209 9.03 20.75 -7.63
CA VAL A 209 10.40 21.23 -7.58
C VAL A 209 11.05 21.15 -8.96
N LYS A 210 10.90 20.00 -9.64
CA LYS A 210 11.53 19.82 -10.94
C LYS A 210 10.82 20.63 -12.02
N LEU A 211 9.49 20.52 -12.09
CA LEU A 211 8.73 21.64 -12.63
C LEU A 211 9.05 22.82 -11.75
N ASN A 212 9.70 23.83 -12.31
CA ASN A 212 10.26 24.89 -11.49
C ASN A 212 9.16 25.76 -10.90
N LYS A 213 8.31 25.16 -10.07
CA LYS A 213 7.30 25.92 -9.35
C LYS A 213 7.63 25.88 -7.87
N LEU A 214 8.76 26.50 -7.53
CA LEU A 214 9.36 26.41 -6.19
C LEU A 214 8.38 26.68 -5.08
N GLU A 215 7.33 27.46 -5.36
CA GLU A 215 6.48 27.92 -4.27
C GLU A 215 5.60 26.80 -3.74
N LYS A 216 4.60 26.36 -4.53
CA LYS A 216 3.73 25.28 -4.08
C LYS A 216 4.54 24.06 -3.63
N ALA A 217 5.73 23.88 -4.22
CA ALA A 217 6.67 22.87 -3.73
C ALA A 217 6.79 22.92 -2.22
N ARG A 218 6.91 24.13 -1.66
CA ARG A 218 7.00 24.26 -0.21
C ARG A 218 5.63 24.03 0.44
N LEU A 219 4.55 24.50 -0.18
CA LEU A 219 3.23 24.25 0.40
C LEU A 219 2.88 22.77 0.35
N ALA A 220 3.36 22.05 -0.67
CA ALA A 220 3.16 20.60 -0.72
C ALA A 220 3.86 19.93 0.46
N PHE A 221 5.18 20.14 0.57
CA PHE A 221 5.96 19.58 1.67
C PHE A 221 5.35 19.92 3.02
N SER A 222 4.79 21.15 3.16
CA SER A 222 4.24 21.59 4.44
C SER A 222 2.93 20.90 4.75
N ARG A 223 2.07 20.73 3.73
CA ARG A 223 0.83 19.98 3.91
C ARG A 223 1.11 18.55 4.36
N ALA A 224 2.19 17.94 3.86
CA ALA A 224 2.54 16.59 4.31
C ALA A 224 2.83 16.55 5.80
N LEU A 225 3.74 17.45 6.26
CA LEU A 225 4.09 17.51 7.68
C LEU A 225 2.89 17.89 8.55
N GLU A 226 1.97 18.69 8.01
CA GLU A 226 0.75 19.00 8.75
C GLU A 226 -0.05 17.74 9.01
N LEU A 227 -0.14 16.86 8.01
CA LEU A 227 -0.95 15.65 8.16
C LEU A 227 -0.21 14.52 8.85
N ASN A 228 1.12 14.48 8.75
CA ASN A 228 1.90 13.49 9.50
C ASN A 228 3.26 14.12 9.76
N SER A 229 3.39 14.74 10.95
CA SER A 229 4.63 15.45 11.30
C SER A 229 5.85 14.55 11.35
N LYS A 230 5.66 13.23 11.23
CA LYS A 230 6.79 12.32 11.10
C LYS A 230 7.41 12.36 9.71
N CYS A 231 6.62 12.78 8.72
CA CYS A 231 7.00 12.69 7.31
C CYS A 231 8.35 13.31 7.03
N VAL A 232 9.33 12.47 6.69
CA VAL A 232 10.72 12.90 6.71
C VAL A 232 11.15 13.50 5.39
N GLY A 233 10.96 12.80 4.27
CA GLY A 233 11.42 13.33 2.99
C GLY A 233 10.87 14.70 2.66
N ALA A 234 9.83 15.14 3.38
CA ALA A 234 9.30 16.49 3.25
C ALA A 234 10.08 17.48 4.09
N LEU A 235 10.46 17.09 5.32
CA LEU A 235 11.46 17.86 6.05
C LEU A 235 12.71 18.04 5.21
N VAL A 236 13.26 16.94 4.69
CA VAL A 236 14.37 17.03 3.74
C VAL A 236 14.02 17.98 2.61
N GLY A 237 12.78 17.89 2.10
CA GLY A 237 12.37 18.70 0.97
C GLY A 237 12.43 20.18 1.30
N LEU A 238 11.75 20.57 2.37
CA LEU A 238 11.71 21.97 2.76
C LEU A 238 13.10 22.48 3.13
N ALA A 239 13.82 21.70 3.93
CA ALA A 239 15.15 22.08 4.36
C ALA A 239 16.20 22.02 3.25
N VAL A 240 15.80 21.87 1.99
CA VAL A 240 16.68 22.12 0.85
C VAL A 240 16.10 23.17 -0.09
N LEU A 241 14.87 23.63 0.14
CA LEU A 241 14.45 24.89 -0.46
C LEU A 241 15.33 26.05 0.01
N GLU A 242 15.95 25.91 1.18
CA GLU A 242 16.92 26.90 1.69
C GLU A 242 17.94 27.29 0.63
N LEU A 243 18.52 26.30 -0.04
CA LEU A 243 19.71 26.44 -0.86
C LEU A 243 19.27 26.44 -2.32
N ASN A 244 19.38 27.61 -2.97
CA ASN A 244 18.92 27.84 -4.35
C ASN A 244 19.10 26.65 -5.25
N GLU A 271 23.48 21.38 -13.15
CA GLU A 271 22.61 22.53 -12.86
C GLU A 271 22.15 22.47 -11.39
N LYS A 272 21.46 23.54 -10.94
CA LYS A 272 20.76 23.52 -9.67
C LYS A 272 19.92 22.26 -9.51
N GLN A 273 19.34 21.75 -10.61
CA GLN A 273 18.34 20.68 -10.52
C GLN A 273 18.90 19.43 -9.84
N HIS A 274 20.21 19.20 -9.92
CA HIS A 274 20.77 17.92 -9.48
C HIS A 274 20.77 17.76 -7.97
N LYS A 275 21.07 18.83 -7.24
CA LYS A 275 21.11 18.71 -5.79
C LYS A 275 19.80 18.19 -5.26
N HIS A 276 18.71 18.42 -5.99
CA HIS A 276 17.43 17.82 -5.69
C HIS A 276 17.25 16.44 -6.28
N ASP A 277 18.24 15.93 -7.02
CA ASP A 277 18.10 14.59 -7.57
C ASP A 277 18.37 13.52 -6.51
N LEU A 278 19.37 13.75 -5.65
CA LEU A 278 19.80 12.67 -4.77
C LEU A 278 19.36 12.82 -3.33
N LEU A 279 18.52 13.81 -3.01
CA LEU A 279 17.70 13.66 -1.81
C LEU A 279 16.44 12.86 -2.08
N THR A 280 16.02 12.77 -3.34
CA THR A 280 14.77 12.12 -3.67
C THR A 280 14.99 10.61 -3.78
N GLU A 281 14.32 9.86 -2.93
CA GLU A 281 14.24 8.42 -3.04
C GLU A 281 13.60 8.04 -4.39
N PRO A 282 13.84 6.81 -4.88
CA PRO A 282 13.24 6.44 -6.18
C PRO A 282 11.73 6.32 -6.15
N ASP A 283 11.14 5.94 -5.01
CA ASP A 283 9.69 5.95 -4.86
C ASP A 283 9.17 7.33 -4.47
N LEU A 284 9.98 8.36 -4.68
CA LEU A 284 9.75 9.73 -4.23
C LEU A 284 9.12 9.81 -2.85
N GLY A 285 9.51 8.92 -1.94
CA GLY A 285 8.94 8.90 -0.60
C GLY A 285 7.49 8.49 -0.51
N VAL A 286 6.88 8.08 -1.62
CA VAL A 286 5.46 7.75 -1.63
C VAL A 286 5.37 6.23 -1.68
N THR A 287 5.03 5.63 -0.54
CA THR A 287 4.80 4.20 -0.50
C THR A 287 3.35 3.94 -0.87
N ILE A 288 3.15 3.02 -1.81
CA ILE A 288 1.82 2.61 -2.23
C ILE A 288 1.39 1.45 -1.34
N ASP A 289 0.31 1.65 -0.57
CA ASP A 289 -0.11 0.70 0.47
C ASP A 289 -1.02 -0.34 -0.16
N LEU A 290 -0.50 -1.56 -0.31
CA LEU A 290 -1.24 -2.68 -0.85
C LEU A 290 -1.78 -3.61 0.23
N ILE A 291 -1.54 -3.29 1.51
CA ILE A 291 -1.93 -4.17 2.62
C ILE A 291 -3.25 -3.72 3.24
N ASN A 292 -3.33 -2.45 3.65
CA ASN A 292 -4.51 -1.98 4.37
C ASN A 292 -5.58 -1.55 3.36
N PRO A 293 -6.67 -2.29 3.22
CA PRO A 293 -7.68 -1.91 2.24
C PRO A 293 -8.33 -0.57 2.55
N ASP A 294 -8.05 0.03 3.71
CA ASP A 294 -8.69 1.28 4.08
C ASP A 294 -7.97 2.51 3.53
N THR A 295 -6.65 2.42 3.32
CA THR A 295 -5.84 3.61 3.09
C THR A 295 -6.41 4.51 2.00
N TYR A 296 -7.01 3.91 0.96
CA TYR A 296 -7.59 4.72 -0.11
C TYR A 296 -9.10 4.55 -0.24
N ARG A 297 -9.76 3.93 0.74
CA ARG A 297 -11.22 3.95 0.73
C ARG A 297 -11.71 5.39 0.73
N ILE A 298 -12.78 5.64 -0.02
CA ILE A 298 -13.22 7.01 -0.33
C ILE A 298 -14.52 7.24 0.41
N ASP A 299 -14.45 7.97 1.52
CA ASP A 299 -15.65 8.36 2.25
C ASP A 299 -16.28 9.54 1.53
N PRO A 300 -17.49 9.39 1.00
CA PRO A 300 -18.09 10.51 0.24
C PRO A 300 -18.29 11.75 1.07
N ASN A 301 -18.15 11.67 2.39
CA ASN A 301 -18.32 12.81 3.27
C ASN A 301 -17.06 13.66 3.35
N VAL A 302 -15.89 13.04 3.26
CA VAL A 302 -14.64 13.79 3.40
C VAL A 302 -14.48 14.71 2.20
N LEU A 303 -14.29 15.99 2.46
CA LEU A 303 -14.22 16.98 1.39
C LEU A 303 -12.81 17.53 1.32
N LEU A 304 -12.45 17.98 0.12
CA LEU A 304 -11.13 18.58 -0.10
C LEU A 304 -10.94 19.77 0.83
N ASP A 305 -9.89 19.71 1.62
CA ASP A 305 -9.58 20.77 2.57
C ASP A 305 -8.72 21.83 1.88
N PRO A 306 -8.93 23.12 2.22
CA PRO A 306 -8.38 24.21 1.40
C PRO A 306 -6.89 24.15 1.16
N ALA A 307 -6.11 23.60 2.07
CA ALA A 307 -4.68 23.56 1.83
C ALA A 307 -4.36 22.65 0.63
N ASP A 308 -5.08 21.53 0.49
CA ASP A 308 -4.93 20.71 -0.71
C ASP A 308 -5.54 21.42 -1.92
N GLU A 309 -6.66 22.13 -1.72
CA GLU A 309 -7.30 22.77 -2.86
C GLU A 309 -6.42 23.84 -3.47
N LYS A 310 -5.56 24.48 -2.66
CA LYS A 310 -4.60 25.42 -3.23
C LYS A 310 -3.55 24.69 -4.05
N LEU A 311 -3.04 23.56 -3.54
CA LEU A 311 -2.04 22.80 -4.29
C LEU A 311 -2.59 22.29 -5.61
N LEU A 312 -3.90 22.14 -5.72
CA LEU A 312 -4.45 21.54 -6.93
C LEU A 312 -4.64 22.54 -8.07
N GLU A 313 -4.52 23.85 -7.83
CA GLU A 313 -4.85 24.82 -8.88
C GLU A 313 -3.99 24.74 -10.14
#